data_8SV0
#
_entry.id   8SV0
#
_cell.length_a   77.217
_cell.length_b   88.728
_cell.length_c   96.412
_cell.angle_alpha   90.00
_cell.angle_beta   90.00
_cell.angle_gamma   90.00
#
_symmetry.space_group_name_H-M   'P 21 21 21'
#
loop_
_entity.id
_entity.type
_entity.pdbx_description
1 polymer 'Importin subunit alpha-1'
2 polymer 'protein VII'
3 non-polymer 'SODIUM ION'
4 water water
#
loop_
_entity_poly.entity_id
_entity_poly.type
_entity_poly.pdbx_seq_one_letter_code
_entity_poly.pdbx_strand_id
1 'polypeptide(L)'
;MHHHHHHSSGLVPRGSGMLETAAALFERNHMDSPDLGTDDDDLAMADIGSNQGTVNWSVEDIVKGINSNNLESQLQATQA
ARKLLSREKQPPIDNIIRAGLIPKFVSFLGKTDCSPIQFESAWALTNIASGTSEQTKAVVDGGAIPAFISLLASPHAHIS
EQAVWALGNIAGDGSAFRDLVIKHGAIDPLLALLAVPDLSTLACGYLRNLTWTLSNLCRNKNPAPPLDAVEQILPTLVRL
LHHNDPEVLADSCWAISYLTDGPNERIEMVVKKGVVPQLVKLLGATELPIVTPALRAIGNIVTGTDEQTQKVIDAGALAV
FPSLLTNPKTNIQKEATWTMSNITAGRQDQIQQVVNHGLVPFLVGVLSKADFKTQKEAAWAITNYTSGGTVEQIVYLVHC
GIIEPLMNLLSAKDTKIIQVILDAISNIFQAAEKLGETEKLSIMIEECGGLDKIEALQRHENESVYKASLNLIEKYFSVE
EEEDQNVVPETTSEGFAFQVQDGAPGTFNF
;
B
2 'polypeptide(L)' PGGFKRRRL C,E
#
# COMPACT_ATOMS: atom_id res chain seq x y z
N GLY A 53 -14.71 -33.69 -22.50
CA GLY A 53 -14.20 -34.71 -21.56
C GLY A 53 -14.63 -34.41 -20.13
N THR A 54 -14.02 -33.41 -19.49
CA THR A 54 -14.38 -32.98 -18.12
C THR A 54 -14.83 -31.52 -18.14
N VAL A 55 -15.31 -31.03 -19.28
CA VAL A 55 -15.81 -29.66 -19.41
C VAL A 55 -17.32 -29.65 -19.23
N ASN A 56 -17.83 -28.62 -18.57
CA ASN A 56 -19.27 -28.42 -18.39
C ASN A 56 -19.91 -29.66 -17.77
N TRP A 57 -19.36 -30.04 -16.61
CA TRP A 57 -19.92 -31.17 -15.82
C TRP A 57 -20.94 -30.57 -14.85
N SER A 58 -22.00 -31.28 -14.52
CA SER A 58 -22.99 -30.84 -13.50
C SER A 58 -22.37 -31.12 -12.12
N VAL A 59 -22.62 -30.25 -11.14
CA VAL A 59 -22.12 -30.47 -9.75
C VAL A 59 -22.62 -31.85 -9.34
N GLU A 60 -23.82 -32.23 -9.75
CA GLU A 60 -24.40 -33.56 -9.45
C GLU A 60 -23.48 -34.66 -9.99
N ASP A 61 -23.05 -34.53 -11.25
CA ASP A 61 -22.14 -35.52 -11.89
C ASP A 61 -20.80 -35.49 -11.17
N ILE A 62 -20.31 -34.29 -10.82
CA ILE A 62 -19.02 -34.14 -10.09
C ILE A 62 -19.16 -34.80 -8.72
N VAL A 63 -20.32 -34.69 -8.08
CA VAL A 63 -20.58 -35.28 -6.74
C VAL A 63 -20.71 -36.79 -6.88
N LYS A 64 -21.32 -37.28 -7.96
CA LYS A 64 -21.48 -38.73 -8.22
C LYS A 64 -20.09 -39.35 -8.37
N GLY A 65 -19.20 -38.73 -9.14
CA GLY A 65 -17.89 -39.26 -9.41
C GLY A 65 -16.97 -39.20 -8.21
N ILE A 66 -17.03 -38.09 -7.46
CA ILE A 66 -16.19 -37.99 -6.27
C ILE A 66 -16.63 -39.01 -5.23
N ASN A 67 -17.94 -39.28 -5.14
CA ASN A 67 -18.46 -40.24 -4.17
C ASN A 67 -18.26 -41.69 -4.60
N SER A 68 -17.84 -41.94 -5.84
CA SER A 68 -17.32 -43.26 -6.19
C SER A 68 -16.12 -43.57 -5.30
N ASN A 69 -15.82 -44.87 -5.17
CA ASN A 69 -14.61 -45.33 -4.50
C ASN A 69 -13.57 -45.75 -5.51
N ASN A 70 -13.48 -44.97 -6.59
CA ASN A 70 -12.57 -45.19 -7.70
C ASN A 70 -11.69 -43.96 -7.77
N LEU A 71 -10.44 -44.08 -7.33
CA LEU A 71 -9.58 -42.90 -7.28
C LEU A 71 -9.54 -42.19 -8.63
N GLU A 72 -9.56 -42.92 -9.74
CA GLU A 72 -9.46 -42.33 -11.10
C GLU A 72 -10.75 -41.59 -11.43
N SER A 73 -11.91 -42.16 -11.08
CA SER A 73 -13.23 -41.52 -11.30
C SER A 73 -13.27 -40.23 -10.46
N GLN A 74 -12.70 -40.26 -9.26
CA GLN A 74 -12.64 -39.07 -8.37
C GLN A 74 -11.75 -38.01 -9.02
N LEU A 75 -10.62 -38.41 -9.60
CA LEU A 75 -9.71 -37.47 -10.29
C LEU A 75 -10.44 -36.79 -11.44
N GLN A 76 -11.21 -37.54 -12.22
CA GLN A 76 -11.99 -37.01 -13.37
C GLN A 76 -12.99 -35.98 -12.85
N ALA A 77 -13.73 -36.30 -11.78
CA ALA A 77 -14.75 -35.40 -11.20
C ALA A 77 -14.07 -34.20 -10.54
N THR A 78 -12.90 -34.40 -9.94
CA THR A 78 -12.13 -33.31 -9.26
C THR A 78 -11.61 -32.36 -10.33
N GLN A 79 -11.23 -32.87 -11.51
CA GLN A 79 -10.74 -32.03 -12.63
C GLN A 79 -11.94 -31.29 -13.25
N ALA A 80 -13.09 -31.95 -13.38
CA ALA A 80 -14.31 -31.32 -13.93
C ALA A 80 -14.70 -30.16 -13.01
N ALA A 81 -14.61 -30.35 -11.68
CA ALA A 81 -14.89 -29.30 -10.71
C ALA A 81 -13.92 -28.14 -10.87
N ARG A 82 -12.63 -28.45 -11.01
CA ARG A 82 -11.64 -27.40 -11.20
C ARG A 82 -11.98 -26.57 -12.42
N LYS A 83 -12.43 -27.22 -13.50
CA LYS A 83 -12.75 -26.48 -14.71
C LYS A 83 -13.95 -25.55 -14.47
N LEU A 84 -14.98 -26.06 -13.79
CA LEU A 84 -16.10 -25.18 -13.43
C LEU A 84 -15.63 -23.99 -12.63
N LEU A 85 -14.78 -24.22 -11.62
CA LEU A 85 -14.29 -23.16 -10.74
C LEU A 85 -13.24 -22.29 -11.39
N SER A 86 -12.78 -22.66 -12.59
CA SER A 86 -11.76 -21.92 -13.32
C SER A 86 -12.31 -21.21 -14.55
N ARG A 87 -13.63 -21.18 -14.72
CA ARG A 87 -14.21 -20.55 -15.90
C ARG A 87 -14.23 -19.03 -15.74
N GLU A 88 -14.43 -18.36 -16.88
CA GLU A 88 -14.22 -16.91 -16.93
C GLU A 88 -15.17 -16.17 -16.02
N LYS A 89 -16.41 -16.62 -15.91
CA LYS A 89 -17.39 -15.89 -15.13
C LYS A 89 -18.25 -16.84 -14.31
N GLN A 90 -18.63 -16.35 -13.14
CA GLN A 90 -19.60 -16.97 -12.24
C GLN A 90 -19.18 -18.37 -11.79
N PRO A 91 -17.94 -18.59 -11.38
CA PRO A 91 -17.58 -19.90 -10.81
C PRO A 91 -18.58 -20.30 -9.73
N PRO A 92 -19.30 -21.42 -9.89
CA PRO A 92 -20.31 -21.79 -8.90
C PRO A 92 -19.68 -22.21 -7.58
N ILE A 93 -18.96 -21.28 -6.94
CA ILE A 93 -18.30 -21.60 -5.68
C ILE A 93 -19.32 -22.06 -4.65
N ASP A 94 -20.42 -21.30 -4.51
CA ASP A 94 -21.42 -21.64 -3.51
C ASP A 94 -22.02 -23.02 -3.79
N ASN A 95 -22.28 -23.33 -5.06
CA ASN A 95 -22.85 -24.64 -5.39
C ASN A 95 -21.87 -25.75 -5.04
N ILE A 96 -20.59 -25.55 -5.34
CA ILE A 96 -19.59 -26.56 -5.01
C ILE A 96 -19.52 -26.75 -3.49
N ILE A 97 -19.61 -25.66 -2.73
CA ILE A 97 -19.52 -25.77 -1.29
C ILE A 97 -20.73 -26.53 -0.74
N ARG A 98 -21.93 -26.19 -1.21
CA ARG A 98 -23.13 -26.84 -0.68
C ARG A 98 -23.18 -28.31 -1.02
N ALA A 99 -22.59 -28.72 -2.15
CA ALA A 99 -22.54 -30.13 -2.49
C ALA A 99 -21.68 -30.94 -1.52
N GLY A 100 -20.90 -30.27 -0.66
CA GLY A 100 -20.06 -30.94 0.35
C GLY A 100 -18.81 -31.55 -0.26
N LEU A 101 -18.11 -30.83 -1.15
CA LEU A 101 -16.93 -31.38 -1.87
C LEU A 101 -15.62 -30.92 -1.22
N ILE A 102 -15.63 -29.83 -0.44
CA ILE A 102 -14.37 -29.27 0.15
C ILE A 102 -13.67 -30.37 0.97
N PRO A 103 -14.37 -31.14 1.82
CA PRO A 103 -13.74 -32.19 2.61
C PRO A 103 -13.08 -33.23 1.69
N LYS A 104 -13.76 -33.64 0.62
CA LYS A 104 -13.22 -34.61 -0.37
C LYS A 104 -11.97 -34.02 -1.02
N PHE A 105 -12.02 -32.74 -1.40
CA PHE A 105 -10.88 -32.05 -2.06
C PHE A 105 -9.68 -32.04 -1.11
N VAL A 106 -9.90 -31.75 0.18
CA VAL A 106 -8.80 -31.66 1.18
C VAL A 106 -8.23 -33.06 1.39
N SER A 107 -9.06 -34.10 1.38
CA SER A 107 -8.61 -35.51 1.51
C SER A 107 -7.78 -35.87 0.28
N PHE A 108 -8.14 -35.34 -0.89
CA PHE A 108 -7.43 -35.62 -2.17
C PHE A 108 -6.06 -34.96 -2.12
N LEU A 109 -5.91 -33.86 -1.36
CA LEU A 109 -4.62 -33.19 -1.22
C LEU A 109 -3.53 -34.14 -0.69
N GLY A 110 -3.92 -35.19 0.02
CA GLY A 110 -2.99 -36.10 0.65
C GLY A 110 -2.64 -37.34 -0.14
N LYS A 111 -3.12 -37.42 -1.38
CA LYS A 111 -2.91 -38.60 -2.27
C LYS A 111 -1.54 -38.52 -2.94
N THR A 112 -0.46 -38.80 -2.22
CA THR A 112 0.92 -38.75 -2.75
C THR A 112 1.02 -39.65 -3.99
N ASP A 113 0.33 -40.78 -3.99
CA ASP A 113 0.37 -41.76 -5.12
C ASP A 113 -0.30 -41.16 -6.36
N CYS A 114 -1.39 -40.39 -6.19
CA CYS A 114 -2.11 -39.73 -7.31
C CYS A 114 -1.82 -38.24 -7.28
N SER A 115 -0.64 -37.81 -7.76
CA SER A 115 -0.25 -36.39 -7.81
C SER A 115 -1.24 -35.59 -8.67
N PRO A 116 -1.87 -36.18 -9.72
CA PRO A 116 -2.87 -35.45 -10.50
C PRO A 116 -4.04 -34.96 -9.63
N ILE A 117 -4.61 -35.83 -8.77
CA ILE A 117 -5.77 -35.46 -7.92
C ILE A 117 -5.29 -34.50 -6.84
N GLN A 118 -4.01 -34.54 -6.48
CA GLN A 118 -3.43 -33.57 -5.50
C GLN A 118 -3.40 -32.19 -6.15
N PHE A 119 -2.98 -32.10 -7.42
CA PHE A 119 -2.93 -30.82 -8.16
C PHE A 119 -4.34 -30.35 -8.50
N GLU A 120 -5.23 -31.27 -8.86
CA GLU A 120 -6.61 -30.92 -9.29
C GLU A 120 -7.38 -30.34 -8.08
N SER A 121 -7.31 -31.00 -6.93
CA SER A 121 -8.00 -30.52 -5.73
C SER A 121 -7.34 -29.26 -5.20
N ALA A 122 -6.02 -29.13 -5.36
CA ALA A 122 -5.35 -27.89 -4.98
C ALA A 122 -5.92 -26.70 -5.73
N TRP A 123 -6.07 -26.85 -7.05
CA TRP A 123 -6.59 -25.78 -7.88
C TRP A 123 -8.05 -25.47 -7.53
N ALA A 124 -8.87 -26.52 -7.37
CA ALA A 124 -10.27 -26.31 -7.01
C ALA A 124 -10.38 -25.56 -5.69
N LEU A 125 -9.60 -25.99 -4.69
CA LEU A 125 -9.65 -25.35 -3.37
C LEU A 125 -9.10 -23.93 -3.44
N THR A 126 -8.03 -23.73 -4.20
CA THR A 126 -7.51 -22.39 -4.43
C THR A 126 -8.62 -21.46 -4.90
N ASN A 127 -9.37 -21.91 -5.92
CA ASN A 127 -10.37 -21.01 -6.50
C ASN A 127 -11.55 -20.82 -5.57
N ILE A 128 -11.90 -21.84 -4.78
CA ILE A 128 -12.90 -21.65 -3.74
C ILE A 128 -12.45 -20.59 -2.74
N ALA A 129 -11.21 -20.70 -2.28
CA ALA A 129 -10.66 -19.76 -1.30
C ALA A 129 -10.45 -18.37 -1.89
N SER A 130 -10.53 -18.22 -3.21
CA SER A 130 -10.41 -16.91 -3.84
C SER A 130 -11.64 -16.03 -3.64
N GLY A 131 -12.73 -16.59 -3.14
CA GLY A 131 -13.99 -15.85 -3.08
C GLY A 131 -14.17 -15.01 -1.83
N THR A 132 -15.39 -15.00 -1.31
CA THR A 132 -15.72 -14.25 -0.12
C THR A 132 -15.01 -14.86 1.08
N SER A 133 -15.00 -14.13 2.20
CA SER A 133 -14.40 -14.62 3.47
C SER A 133 -15.18 -15.85 3.90
N GLU A 134 -16.48 -15.95 3.56
CA GLU A 134 -17.24 -17.18 3.83
C GLU A 134 -16.65 -18.39 3.12
N GLN A 135 -16.29 -18.23 1.84
CA GLN A 135 -15.85 -19.38 1.05
C GLN A 135 -14.42 -19.76 1.41
N THR A 136 -13.57 -18.76 1.61
CA THR A 136 -12.26 -19.02 2.18
C THR A 136 -12.39 -19.77 3.50
N LYS A 137 -13.30 -19.32 4.35
CA LYS A 137 -13.52 -19.95 5.67
C LYS A 137 -13.93 -21.41 5.46
N ALA A 138 -14.77 -21.69 4.47
CA ALA A 138 -15.15 -23.07 4.20
C ALA A 138 -13.92 -23.92 3.88
N VAL A 139 -13.04 -23.40 3.02
CA VAL A 139 -11.81 -24.11 2.70
C VAL A 139 -11.00 -24.37 3.97
N VAL A 140 -10.83 -23.35 4.81
CA VAL A 140 -9.99 -23.47 6.04
C VAL A 140 -10.71 -24.41 7.02
N ASP A 141 -12.04 -24.41 7.01
CA ASP A 141 -12.84 -25.27 7.91
C ASP A 141 -12.67 -26.74 7.49
N GLY A 142 -12.30 -26.99 6.23
CA GLY A 142 -12.10 -28.36 5.72
C GLY A 142 -10.77 -28.95 6.15
N GLY A 143 -9.96 -28.23 6.91
CA GLY A 143 -8.63 -28.69 7.33
C GLY A 143 -7.64 -28.55 6.19
N ALA A 144 -7.83 -27.57 5.31
CA ALA A 144 -6.99 -27.42 4.12
C ALA A 144 -5.62 -26.85 4.45
N ILE A 145 -5.53 -25.95 5.44
CA ILE A 145 -4.26 -25.24 5.77
C ILE A 145 -3.13 -26.26 5.96
N PRO A 146 -3.22 -27.23 6.90
CA PRO A 146 -2.11 -28.15 7.14
C PRO A 146 -1.81 -29.01 5.90
N ALA A 147 -2.83 -29.39 5.13
CA ALA A 147 -2.66 -30.21 3.93
C ALA A 147 -1.88 -29.46 2.85
N PHE A 148 -2.19 -28.18 2.67
CA PHE A 148 -1.45 -27.36 1.70
C PHE A 148 -0.02 -27.14 2.16
N ILE A 149 0.18 -26.91 3.45
CA ILE A 149 1.54 -26.75 3.94
C ILE A 149 2.35 -28.00 3.63
N SER A 150 1.73 -29.17 3.80
CA SER A 150 2.42 -30.42 3.46
C SER A 150 2.73 -30.49 1.97
N LEU A 151 1.80 -30.06 1.12
CA LEU A 151 2.06 -30.08 -0.32
C LEU A 151 3.19 -29.13 -0.72
N LEU A 152 3.46 -28.11 0.08
CA LEU A 152 4.57 -27.21 -0.25
C LEU A 152 5.88 -27.96 -0.47
N ALA A 153 6.03 -29.14 0.14
CA ALA A 153 7.24 -29.94 0.00
C ALA A 153 7.13 -30.99 -1.11
N SER A 154 6.14 -30.86 -1.97
CA SER A 154 5.97 -31.82 -3.05
C SER A 154 7.13 -31.75 -4.04
N PRO A 155 7.48 -32.87 -4.67
CA PRO A 155 8.51 -32.84 -5.72
C PRO A 155 8.00 -32.29 -7.04
N HIS A 156 6.69 -32.33 -7.24
CA HIS A 156 6.04 -31.78 -8.46
C HIS A 156 5.92 -30.28 -8.24
N ALA A 157 6.60 -29.46 -9.05
CA ALA A 157 6.64 -28.02 -8.79
C ALA A 157 5.30 -27.35 -9.04
N HIS A 158 4.48 -27.89 -9.94
CA HIS A 158 3.18 -27.28 -10.18
C HIS A 158 2.24 -27.51 -9.00
N ILE A 159 2.42 -28.64 -8.30
CA ILE A 159 1.62 -28.96 -7.08
C ILE A 159 2.10 -28.03 -5.96
N SER A 160 3.41 -27.89 -5.76
CA SER A 160 3.95 -26.94 -4.79
C SER A 160 3.45 -25.53 -5.05
N GLU A 161 3.52 -25.08 -6.31
CA GLU A 161 3.08 -23.74 -6.66
C GLU A 161 1.60 -23.56 -6.38
N GLN A 162 0.80 -24.60 -6.64
CA GLN A 162 -0.63 -24.48 -6.37
C GLN A 162 -0.89 -24.37 -4.87
N ALA A 163 -0.12 -25.10 -4.06
CA ALA A 163 -0.24 -24.96 -2.61
C ALA A 163 0.14 -23.55 -2.17
N VAL A 164 1.20 -23.00 -2.76
CA VAL A 164 1.61 -21.64 -2.45
C VAL A 164 0.44 -20.69 -2.71
N TRP A 165 -0.17 -20.81 -3.89
CA TRP A 165 -1.29 -19.96 -4.25
C TRP A 165 -2.45 -20.10 -3.27
N ALA A 166 -2.83 -21.34 -2.95
CA ALA A 166 -3.94 -21.55 -2.02
C ALA A 166 -3.66 -20.88 -0.68
N LEU A 167 -2.46 -21.09 -0.14
CA LEU A 167 -2.10 -20.45 1.12
C LEU A 167 -2.14 -18.93 0.99
N GLY A 168 -1.79 -18.39 -0.18
CA GLY A 168 -1.86 -16.94 -0.41
C GLY A 168 -3.30 -16.47 -0.31
N ASN A 169 -4.23 -17.21 -0.90
CA ASN A 169 -5.66 -16.86 -0.87
C ASN A 169 -6.15 -16.93 0.58
N ILE A 170 -5.79 -17.96 1.33
CA ILE A 170 -6.22 -18.08 2.73
C ILE A 170 -5.69 -16.90 3.53
N ALA A 171 -4.37 -16.72 3.56
CA ALA A 171 -3.72 -15.66 4.34
C ALA A 171 -4.22 -14.27 3.92
N GLY A 172 -4.55 -14.08 2.64
CA GLY A 172 -4.99 -12.78 2.12
C GLY A 172 -6.42 -12.45 2.53
N ASP A 173 -7.12 -13.41 3.10
CA ASP A 173 -8.53 -13.21 3.54
C ASP A 173 -8.55 -12.16 4.66
N GLY A 174 -7.59 -12.20 5.57
CA GLY A 174 -7.56 -11.28 6.71
C GLY A 174 -6.48 -11.60 7.72
N SER A 175 -6.39 -10.87 8.83
CA SER A 175 -5.31 -11.02 9.84
C SER A 175 -5.41 -12.35 10.57
N ALA A 176 -6.62 -12.88 10.82
CA ALA A 176 -6.82 -14.12 11.58
C ALA A 176 -6.38 -15.33 10.74
N PHE A 177 -6.84 -15.44 9.50
CA PHE A 177 -6.45 -16.54 8.57
C PHE A 177 -4.96 -16.41 8.27
N ARG A 178 -4.42 -15.19 8.24
CA ARG A 178 -2.97 -14.95 7.99
C ARG A 178 -2.17 -15.55 9.14
N ASP A 179 -2.55 -15.25 10.39
CA ASP A 179 -1.84 -15.75 11.55
C ASP A 179 -2.07 -17.24 11.74
N LEU A 180 -3.21 -17.76 11.30
CA LEU A 180 -3.43 -19.20 11.40
C LEU A 180 -2.53 -19.95 10.43
N VAL A 181 -2.41 -19.44 9.21
CA VAL A 181 -1.47 -20.05 8.27
C VAL A 181 -0.06 -20.01 8.85
N ILE A 182 0.31 -18.89 9.47
CA ILE A 182 1.64 -18.80 10.07
C ILE A 182 1.80 -19.81 11.20
N LYS A 183 0.78 -19.95 12.05
CA LYS A 183 0.88 -20.85 13.19
C LYS A 183 1.05 -22.30 12.74
N HIS A 184 0.42 -22.66 11.63
CA HIS A 184 0.52 -24.04 11.06
C HIS A 184 1.94 -24.25 10.54
N GLY A 185 2.77 -23.21 10.46
CA GLY A 185 4.19 -23.34 10.04
C GLY A 185 4.36 -23.35 8.53
N ALA A 186 3.94 -22.30 7.84
CA ALA A 186 4.03 -22.21 6.37
C ALA A 186 5.26 -21.38 5.95
N ILE A 187 5.75 -20.51 6.82
CA ILE A 187 6.89 -19.60 6.48
C ILE A 187 8.13 -20.45 6.19
N ASP A 188 8.46 -21.40 7.08
CA ASP A 188 9.67 -22.25 6.92
C ASP A 188 9.63 -22.92 5.55
N PRO A 189 8.59 -23.70 5.20
CA PRO A 189 8.55 -24.41 3.92
C PRO A 189 8.52 -23.44 2.74
N LEU A 190 7.78 -22.34 2.84
CA LEU A 190 7.67 -21.33 1.74
C LEU A 190 9.05 -20.71 1.49
N LEU A 191 9.76 -20.32 2.54
CA LEU A 191 11.11 -19.68 2.42
C LEU A 191 12.10 -20.73 1.94
N ALA A 192 11.88 -22.01 2.24
CA ALA A 192 12.75 -23.11 1.78
C ALA A 192 12.64 -23.21 0.26
N LEU A 193 11.44 -23.00 -0.30
CA LEU A 193 11.26 -22.98 -1.76
C LEU A 193 12.11 -21.89 -2.43
N LEU A 194 12.43 -20.81 -1.73
CA LEU A 194 13.17 -19.67 -2.31
C LEU A 194 14.63 -19.70 -1.86
N ALA A 195 15.10 -20.79 -1.26
CA ALA A 195 16.49 -20.93 -0.77
C ALA A 195 17.38 -21.43 -1.91
N VAL A 196 17.58 -20.60 -2.94
CA VAL A 196 18.41 -20.95 -4.12
C VAL A 196 19.52 -19.90 -4.26
N PRO A 197 20.68 -20.21 -4.87
CA PRO A 197 21.73 -19.23 -5.07
C PRO A 197 21.21 -18.05 -5.91
N ASP A 198 20.50 -18.35 -7.01
CA ASP A 198 19.93 -17.31 -7.92
C ASP A 198 18.44 -17.59 -8.11
N LEU A 199 17.57 -16.61 -7.79
CA LEU A 199 16.10 -16.75 -7.95
C LEU A 199 15.80 -16.90 -9.45
N SER A 200 16.72 -16.48 -10.32
CA SER A 200 16.55 -16.56 -11.80
C SER A 200 16.48 -18.03 -12.22
N THR A 201 16.89 -18.95 -11.35
CA THR A 201 16.85 -20.42 -11.63
C THR A 201 15.42 -20.91 -11.36
N LEU A 202 14.54 -20.05 -10.85
CA LEU A 202 13.14 -20.41 -10.52
C LEU A 202 12.21 -19.95 -11.64
N ALA A 203 11.15 -20.71 -11.92
CA ALA A 203 10.17 -20.35 -12.94
C ALA A 203 9.54 -19.01 -12.62
N CYS A 204 9.35 -18.18 -13.65
CA CYS A 204 8.76 -16.87 -13.47
C CYS A 204 7.45 -16.95 -12.71
N GLY A 205 6.57 -17.88 -13.11
CA GLY A 205 5.30 -18.02 -12.42
C GLY A 205 5.47 -18.50 -10.98
N TYR A 206 6.31 -19.50 -10.77
CA TYR A 206 6.60 -19.97 -9.41
C TYR A 206 7.01 -18.80 -8.52
N LEU A 207 8.02 -18.06 -8.98
CA LEU A 207 8.54 -16.91 -8.20
C LEU A 207 7.40 -15.92 -7.96
N ARG A 208 6.63 -15.55 -8.98
CA ARG A 208 5.57 -14.55 -8.81
C ARG A 208 4.57 -14.99 -7.76
N ASN A 209 4.18 -16.27 -7.79
CA ASN A 209 3.19 -16.75 -6.83
C ASN A 209 3.74 -16.73 -5.42
N LEU A 210 5.00 -17.18 -5.24
CA LEU A 210 5.59 -17.18 -3.91
C LEU A 210 5.69 -15.76 -3.37
N THR A 211 6.07 -14.80 -4.22
CA THR A 211 6.18 -13.42 -3.78
C THR A 211 4.81 -12.90 -3.37
N TRP A 212 3.77 -13.20 -4.14
CA TRP A 212 2.38 -12.71 -3.89
C TRP A 212 1.81 -13.34 -2.61
N THR A 213 2.18 -14.57 -2.32
CA THR A 213 1.78 -15.20 -1.06
C THR A 213 2.52 -14.57 0.12
N LEU A 214 3.81 -14.34 -0.02
CA LEU A 214 4.63 -13.71 1.05
C LEU A 214 4.08 -12.30 1.31
N SER A 215 3.67 -11.58 0.27
CA SER A 215 3.09 -10.22 0.41
C SER A 215 1.80 -10.32 1.23
N ASN A 216 1.06 -11.42 1.12
CA ASN A 216 -0.24 -11.58 1.82
C ASN A 216 0.07 -11.96 3.26
N LEU A 217 1.23 -12.56 3.51
CA LEU A 217 1.64 -12.92 4.90
C LEU A 217 2.18 -11.66 5.60
N CYS A 218 2.47 -10.60 4.85
CA CYS A 218 2.96 -9.31 5.41
C CYS A 218 1.83 -8.29 5.38
N ARG A 219 0.66 -8.64 4.85
CA ARG A 219 -0.47 -7.70 4.64
C ARG A 219 -1.45 -7.76 5.81
N ASN A 220 -2.36 -6.78 5.91
CA ASN A 220 -3.43 -6.74 6.93
C ASN A 220 -2.88 -6.25 8.27
N LYS A 221 -3.66 -5.49 9.01
CA LYS A 221 -3.26 -4.96 10.34
C LYS A 221 -4.35 -5.31 11.35
N ASN A 222 -4.20 -4.91 12.62
CA ASN A 222 -5.19 -5.21 13.68
C ASN A 222 -5.40 -6.72 13.73
N PRO A 223 -4.36 -7.52 14.07
CA PRO A 223 -3.01 -7.00 14.29
C PRO A 223 -2.08 -7.07 13.07
N ALA A 224 -0.88 -6.48 13.13
CA ALA A 224 0.12 -6.64 12.06
C ALA A 224 0.70 -8.06 12.18
N PRO A 225 1.31 -8.62 11.12
CA PRO A 225 1.92 -9.94 11.20
C PRO A 225 2.82 -10.10 12.44
N PRO A 226 2.92 -11.30 13.05
CA PRO A 226 3.82 -11.50 14.19
C PRO A 226 5.23 -10.99 13.88
N LEU A 227 5.85 -10.27 14.82
CA LEU A 227 7.20 -9.69 14.60
C LEU A 227 8.17 -10.79 14.14
N ASP A 228 8.14 -11.95 14.78
CA ASP A 228 9.05 -13.08 14.44
C ASP A 228 8.86 -13.45 12.97
N ALA A 229 7.61 -13.54 12.51
CA ALA A 229 7.29 -13.91 11.12
C ALA A 229 7.91 -12.88 10.16
N VAL A 230 7.73 -11.59 10.43
CA VAL A 230 8.26 -10.51 9.57
C VAL A 230 9.79 -10.62 9.51
N GLU A 231 10.44 -10.88 10.65
CA GLU A 231 11.92 -10.98 10.72
C GLU A 231 12.40 -12.22 9.97
N GLN A 232 11.58 -13.28 9.91
CA GLN A 232 11.95 -14.56 9.24
C GLN A 232 11.78 -14.41 7.73
N ILE A 233 10.89 -13.52 7.27
CA ILE A 233 10.59 -13.37 5.82
C ILE A 233 11.30 -12.15 5.25
N LEU A 234 11.56 -11.12 6.06
CA LEU A 234 12.17 -9.85 5.59
C LEU A 234 13.41 -10.15 4.74
N PRO A 235 14.33 -11.02 5.17
CA PRO A 235 15.55 -11.27 4.40
C PRO A 235 15.24 -11.76 2.98
N THR A 236 14.31 -12.69 2.81
CA THR A 236 13.92 -13.25 1.49
C THR A 236 13.17 -12.17 0.70
N LEU A 237 12.38 -11.34 1.37
CA LEU A 237 11.60 -10.25 0.71
C LEU A 237 12.56 -9.22 0.11
N VAL A 238 13.70 -8.97 0.76
CA VAL A 238 14.71 -7.99 0.28
C VAL A 238 15.34 -8.55 -1.00
N ARG A 239 15.60 -9.85 -1.04
CA ARG A 239 16.16 -10.52 -2.24
CA ARG A 239 16.17 -10.49 -2.25
C ARG A 239 15.21 -10.43 -3.44
N LEU A 240 13.91 -10.55 -3.16
CA LEU A 240 12.87 -10.49 -4.23
C LEU A 240 12.71 -9.02 -4.64
N LEU A 241 12.99 -8.07 -3.74
CA LEU A 241 12.88 -6.61 -4.04
C LEU A 241 14.06 -6.23 -4.93
N HIS A 242 15.06 -7.10 -5.05
CA HIS A 242 16.24 -6.86 -5.91
C HIS A 242 16.12 -7.75 -7.15
N HIS A 243 15.02 -8.50 -7.27
CA HIS A 243 14.76 -9.37 -8.45
C HIS A 243 14.53 -8.48 -9.66
N ASN A 244 14.56 -9.03 -10.88
CA ASN A 244 14.44 -8.23 -12.12
C ASN A 244 13.04 -8.28 -12.71
N ASP A 245 12.15 -9.13 -12.20
CA ASP A 245 10.82 -9.29 -12.80
C ASP A 245 9.88 -8.20 -12.31
N PRO A 246 9.18 -7.50 -13.21
CA PRO A 246 8.32 -6.39 -12.74
C PRO A 246 7.25 -6.84 -11.76
N GLU A 247 6.64 -8.01 -11.95
CA GLU A 247 5.60 -8.47 -11.03
C GLU A 247 6.17 -8.81 -9.66
N VAL A 248 7.31 -9.50 -9.63
CA VAL A 248 7.98 -9.87 -8.35
C VAL A 248 8.37 -8.58 -7.63
N LEU A 249 8.82 -7.55 -8.36
CA LEU A 249 9.29 -6.27 -7.78
C LEU A 249 8.11 -5.49 -7.19
N ALA A 250 6.94 -5.51 -7.84
CA ALA A 250 5.74 -4.78 -7.36
C ALA A 250 5.18 -5.47 -6.12
N ASP A 251 5.06 -6.80 -6.14
CA ASP A 251 4.53 -7.58 -5.00
C ASP A 251 5.47 -7.42 -3.82
N SER A 252 6.79 -7.42 -4.05
CA SER A 252 7.81 -7.25 -2.99
C SER A 252 7.67 -5.84 -2.38
N CYS A 253 7.47 -4.82 -3.22
CA CYS A 253 7.29 -3.41 -2.76
C CYS A 253 5.99 -3.32 -1.97
N TRP A 254 4.94 -4.04 -2.38
CA TRP A 254 3.62 -4.05 -1.70
C TRP A 254 3.74 -4.78 -0.35
N ALA A 255 4.59 -5.80 -0.27
CA ALA A 255 4.89 -6.50 0.99
C ALA A 255 5.63 -5.53 1.92
N ILE A 256 6.63 -4.83 1.40
CA ILE A 256 7.43 -3.85 2.19
C ILE A 256 6.52 -2.70 2.64
N SER A 257 5.58 -2.27 1.79
CA SER A 257 4.63 -1.17 2.11
C SER A 257 3.71 -1.63 3.25
N TYR A 258 3.32 -2.90 3.27
CA TYR A 258 2.45 -3.46 4.34
C TYR A 258 3.25 -3.48 5.64
N LEU A 259 4.53 -3.84 5.58
CA LEU A 259 5.40 -3.95 6.77
C LEU A 259 5.68 -2.56 7.35
N THR A 260 5.74 -1.51 6.53
CA THR A 260 6.08 -0.18 7.00
C THR A 260 4.85 0.63 7.40
N ASP A 261 3.65 0.06 7.31
CA ASP A 261 2.42 0.77 7.64
C ASP A 261 2.02 0.46 9.09
N GLY A 262 2.85 0.94 10.01
CA GLY A 262 2.61 0.71 11.41
C GLY A 262 3.55 1.52 12.30
N PRO A 263 3.73 1.06 13.54
CA PRO A 263 4.58 1.80 14.47
C PRO A 263 5.98 2.00 13.91
N ASN A 264 6.70 2.93 14.54
CA ASN A 264 8.08 3.20 14.13
C ASN A 264 9.00 2.01 14.33
N GLU A 265 8.62 1.06 15.20
CA GLU A 265 9.44 -0.14 15.37
C GLU A 265 9.36 -1.02 14.12
N ARG A 266 8.18 -1.13 13.51
CA ARG A 266 8.05 -1.86 12.24
C ARG A 266 8.88 -1.20 11.16
N ILE A 267 8.71 0.11 10.99
CA ILE A 267 9.49 0.88 9.98
C ILE A 267 10.97 0.58 10.18
N GLU A 268 11.43 0.54 11.43
CA GLU A 268 12.87 0.34 11.75
C GLU A 268 13.35 -1.04 11.27
N MET A 269 12.55 -2.09 11.47
CA MET A 269 12.94 -3.47 11.08
C MET A 269 13.23 -3.48 9.58
N VAL A 270 12.40 -2.81 8.77
CA VAL A 270 12.56 -2.76 7.29
C VAL A 270 13.76 -1.86 6.95
N VAL A 271 13.83 -0.67 7.55
CA VAL A 271 14.91 0.32 7.27
C VAL A 271 16.26 -0.30 7.69
N LYS A 272 16.29 -1.05 8.79
CA LYS A 272 17.51 -1.72 9.29
C LYS A 272 17.98 -2.73 8.24
N LYS A 273 17.05 -3.35 7.51
CA LYS A 273 17.37 -4.34 6.46
C LYS A 273 18.06 -3.63 5.29
N GLY A 274 17.94 -2.30 5.19
CA GLY A 274 18.62 -1.51 4.15
C GLY A 274 17.92 -1.60 2.81
N VAL A 275 16.61 -1.36 2.77
CA VAL A 275 15.81 -1.48 1.51
C VAL A 275 15.50 -0.09 0.95
N VAL A 276 15.65 0.97 1.74
CA VAL A 276 15.28 2.35 1.32
C VAL A 276 15.96 2.67 -0.02
N PRO A 277 17.27 2.39 -0.21
CA PRO A 277 17.96 2.75 -1.45
C PRO A 277 17.30 2.07 -2.66
N GLN A 278 17.03 0.77 -2.58
CA GLN A 278 16.37 0.02 -3.67
C GLN A 278 14.94 0.53 -3.84
N LEU A 279 14.27 0.90 -2.75
CA LEU A 279 12.91 1.46 -2.79
C LEU A 279 12.94 2.78 -3.58
N VAL A 280 13.97 3.61 -3.38
CA VAL A 280 14.11 4.91 -4.09
C VAL A 280 14.40 4.61 -5.56
N LYS A 281 15.18 3.57 -5.85
CA LYS A 281 15.47 3.15 -7.25
C LYS A 281 14.17 2.67 -7.89
N LEU A 282 13.35 1.91 -7.15
CA LEU A 282 12.05 1.41 -7.65
C LEU A 282 11.06 2.57 -7.68
N LEU A 283 11.32 3.64 -6.93
CA LEU A 283 10.46 4.85 -6.95
C LEU A 283 10.69 5.53 -8.30
N GLY A 284 11.88 5.37 -8.89
CA GLY A 284 12.15 5.89 -10.21
C GLY A 284 11.68 5.02 -11.36
N ALA A 285 11.08 3.87 -11.08
CA ALA A 285 10.80 2.90 -12.14
C ALA A 285 9.79 3.46 -13.15
N THR A 286 9.77 2.86 -14.34
CA THR A 286 8.86 3.30 -15.43
C THR A 286 7.51 2.60 -15.28
N GLU A 287 7.42 1.58 -14.43
CA GLU A 287 6.17 0.81 -14.22
C GLU A 287 5.40 1.36 -13.03
N LEU A 288 4.20 1.91 -13.25
CA LEU A 288 3.33 2.44 -12.17
C LEU A 288 3.02 1.32 -11.18
N PRO A 289 2.83 0.05 -11.63
CA PRO A 289 2.62 -1.07 -10.71
C PRO A 289 3.78 -1.23 -9.71
N ILE A 290 4.97 -0.74 -10.05
CA ILE A 290 6.15 -0.81 -9.14
C ILE A 290 6.30 0.54 -8.43
N VAL A 291 6.04 1.65 -9.13
CA VAL A 291 6.18 3.02 -8.56
C VAL A 291 5.10 3.23 -7.50
N THR A 292 3.91 2.66 -7.68
CA THR A 292 2.79 2.82 -6.72
C THR A 292 3.20 2.21 -5.37
N PRO A 293 3.55 0.91 -5.29
CA PRO A 293 3.91 0.29 -4.01
C PRO A 293 5.20 0.87 -3.42
N ALA A 294 6.12 1.36 -4.26
CA ALA A 294 7.39 1.98 -3.81
C ALA A 294 7.09 3.29 -3.08
N LEU A 295 6.30 4.17 -3.68
CA LEU A 295 5.98 5.50 -3.09
C LEU A 295 5.26 5.29 -1.76
N ARG A 296 4.36 4.30 -1.68
CA ARG A 296 3.60 4.03 -0.44
C ARG A 296 4.55 3.64 0.68
N ALA A 297 5.53 2.77 0.41
CA ALA A 297 6.51 2.31 1.41
C ALA A 297 7.39 3.49 1.84
N ILE A 298 7.83 4.33 0.90
CA ILE A 298 8.66 5.53 1.20
C ILE A 298 7.83 6.47 2.07
N GLY A 299 6.57 6.71 1.69
CA GLY A 299 5.65 7.55 2.47
C GLY A 299 5.50 7.00 3.87
N ASN A 300 5.35 5.68 3.98
CA ASN A 300 5.17 4.99 5.29
C ASN A 300 6.42 5.21 6.15
N ILE A 301 7.62 5.18 5.55
CA ILE A 301 8.90 5.33 6.29
C ILE A 301 9.06 6.78 6.73
N VAL A 302 8.52 7.74 5.97
CA VAL A 302 8.62 9.19 6.30
C VAL A 302 7.48 9.53 7.25
N THR A 303 6.72 8.54 7.73
CA THR A 303 5.70 8.77 8.77
C THR A 303 6.38 8.49 10.12
N GLY A 304 7.57 7.90 10.08
CA GLY A 304 8.27 7.54 11.30
C GLY A 304 9.17 8.63 11.87
N THR A 305 10.31 8.24 12.44
CA THR A 305 11.24 9.19 13.10
C THR A 305 11.93 10.08 12.06
N ASP A 306 12.54 11.18 12.50
CA ASP A 306 13.24 12.13 11.60
C ASP A 306 14.52 11.46 11.09
N GLU A 307 15.03 10.45 11.79
CA GLU A 307 16.23 9.68 11.34
C GLU A 307 15.80 8.71 10.25
N GLN A 308 14.64 8.07 10.40
CA GLN A 308 14.09 7.17 9.38
C GLN A 308 13.79 8.00 8.14
N THR A 309 13.22 9.19 8.33
CA THR A 309 12.88 10.12 7.21
C THR A 309 14.19 10.59 6.56
N GLN A 310 15.25 10.78 7.36
CA GLN A 310 16.56 11.25 6.85
C GLN A 310 17.24 10.10 6.12
N LYS A 311 16.87 8.86 6.41
CA LYS A 311 17.41 7.68 5.68
C LYS A 311 16.81 7.73 4.28
N VAL A 312 15.54 8.09 4.17
CA VAL A 312 14.91 8.22 2.86
C VAL A 312 15.58 9.33 2.06
N ILE A 313 15.78 10.50 2.70
CA ILE A 313 16.37 11.69 2.02
C ILE A 313 17.81 11.36 1.60
N ASP A 314 18.58 10.68 2.43
CA ASP A 314 19.96 10.32 2.09
C ASP A 314 20.02 9.39 0.90
N ALA A 315 18.99 8.56 0.71
CA ALA A 315 18.96 7.61 -0.39
C ALA A 315 18.64 8.28 -1.72
N GLY A 316 18.41 9.58 -1.74
CA GLY A 316 18.12 10.31 -2.96
C GLY A 316 16.66 10.44 -3.31
N ALA A 317 15.75 10.15 -2.38
CA ALA A 317 14.29 10.14 -2.67
C ALA A 317 13.81 11.48 -3.24
N LEU A 318 14.19 12.62 -2.68
CA LEU A 318 13.66 13.95 -3.08
C LEU A 318 13.88 14.22 -4.57
N ALA A 319 14.88 13.61 -5.19
CA ALA A 319 15.22 13.85 -6.62
C ALA A 319 14.14 13.28 -7.55
N VAL A 320 13.26 12.41 -7.05
CA VAL A 320 12.21 11.75 -7.87
C VAL A 320 10.89 12.50 -7.73
N PHE A 321 10.73 13.33 -6.71
CA PHE A 321 9.44 14.03 -6.43
C PHE A 321 9.11 15.06 -7.52
N PRO A 322 10.09 15.67 -8.22
CA PRO A 322 9.76 16.59 -9.31
C PRO A 322 8.82 15.88 -10.30
N SER A 323 9.02 14.58 -10.54
CA SER A 323 8.19 13.78 -11.47
C SER A 323 6.94 13.23 -10.76
N LEU A 324 7.08 12.80 -9.50
CA LEU A 324 5.95 12.22 -8.72
C LEU A 324 4.90 13.29 -8.44
N LEU A 325 5.32 14.56 -8.28
CA LEU A 325 4.40 15.69 -7.97
C LEU A 325 3.80 16.22 -9.28
N THR A 326 4.26 15.72 -10.43
CA THR A 326 3.73 16.11 -11.77
C THR A 326 3.27 14.85 -12.48
N ASN A 327 3.21 13.71 -11.78
CA ASN A 327 2.84 12.39 -12.36
C ASN A 327 1.40 12.41 -12.86
N PRO A 328 1.12 11.91 -14.08
CA PRO A 328 -0.24 11.97 -14.66
C PRO A 328 -1.27 11.20 -13.86
N LYS A 329 -0.85 10.19 -13.09
CA LYS A 329 -1.77 9.38 -12.24
C LYS A 329 -2.09 10.21 -10.98
N THR A 330 -3.36 10.58 -10.78
CA THR A 330 -3.71 11.45 -9.66
C THR A 330 -3.31 10.83 -8.33
N ASN A 331 -3.45 9.51 -8.21
CA ASN A 331 -3.11 8.76 -6.97
C ASN A 331 -1.62 8.95 -6.67
N ILE A 332 -0.77 9.02 -7.68
CA ILE A 332 0.70 9.17 -7.49
C ILE A 332 0.97 10.60 -7.00
N GLN A 333 0.29 11.60 -7.56
CA GLN A 333 0.45 12.98 -7.12
C GLN A 333 0.03 13.13 -5.67
N LYS A 334 -1.12 12.54 -5.32
CA LYS A 334 -1.63 12.65 -3.96
C LYS A 334 -0.67 12.02 -2.97
N GLU A 335 -0.22 10.79 -3.23
CA GLU A 335 0.65 10.12 -2.28
C GLU A 335 2.00 10.82 -2.17
N ALA A 336 2.51 11.34 -3.29
CA ALA A 336 3.79 12.08 -3.30
C ALA A 336 3.63 13.36 -2.47
N THR A 337 2.49 14.04 -2.62
CA THR A 337 2.21 15.31 -1.89
C THR A 337 2.08 15.00 -0.40
N TRP A 338 1.51 13.85 -0.04
CA TRP A 338 1.34 13.41 1.37
C TRP A 338 2.69 12.98 1.94
N THR A 339 3.60 12.48 1.11
CA THR A 339 4.97 12.11 1.55
C THR A 339 5.73 13.42 1.76
N MET A 340 5.41 14.45 0.98
CA MET A 340 6.09 15.77 1.06
C MET A 340 5.62 16.49 2.31
N SER A 341 4.33 16.43 2.67
CA SER A 341 3.81 17.01 3.90
C SER A 341 4.44 16.37 5.12
N ASN A 342 4.62 15.04 5.09
CA ASN A 342 5.29 14.37 6.19
C ASN A 342 6.78 14.69 6.23
N ILE A 343 7.36 15.11 5.11
CA ILE A 343 8.81 15.47 5.05
C ILE A 343 8.98 16.89 5.56
N THR A 344 8.00 17.78 5.33
CA THR A 344 8.07 19.16 5.79
C THR A 344 7.62 19.30 7.24
N ALA A 345 7.10 18.24 7.85
CA ALA A 345 6.88 18.15 9.28
C ALA A 345 8.12 17.74 10.04
N GLY A 346 9.23 17.49 9.32
CA GLY A 346 10.47 17.02 9.93
C GLY A 346 11.36 18.14 10.41
N ARG A 347 12.67 17.90 10.52
CA ARG A 347 13.64 18.88 11.03
C ARG A 347 13.77 20.05 10.05
N GLN A 348 14.51 21.09 10.42
CA GLN A 348 14.73 22.25 9.56
C GLN A 348 15.76 21.94 8.47
N ASP A 349 16.75 21.10 8.79
CA ASP A 349 17.75 20.66 7.78
C ASP A 349 17.00 19.85 6.71
N GLN A 350 15.95 19.14 7.11
CA GLN A 350 15.13 18.31 6.18
C GLN A 350 14.30 19.26 5.31
N ILE A 351 13.66 20.28 5.87
CA ILE A 351 12.98 21.30 5.09
C ILE A 351 13.95 21.95 4.11
N GLN A 352 15.18 22.17 4.57
CA GLN A 352 16.22 22.81 3.73
C GLN A 352 16.60 21.87 2.61
N GLN A 353 16.50 20.55 2.83
CA GLN A 353 16.75 19.53 1.77
C GLN A 353 15.63 19.67 0.75
N VAL A 354 14.37 19.70 1.20
CA VAL A 354 13.25 19.95 0.29
C VAL A 354 13.56 21.16 -0.58
N VAL A 355 13.90 22.28 0.07
CA VAL A 355 14.16 23.55 -0.65
C VAL A 355 15.31 23.37 -1.66
N ASN A 356 16.39 22.69 -1.26
CA ASN A 356 17.59 22.53 -2.14
C ASN A 356 17.23 21.70 -3.37
N HIS A 357 16.25 20.80 -3.26
CA HIS A 357 15.85 19.91 -4.37
C HIS A 357 14.82 20.60 -5.27
N GLY A 358 14.56 21.90 -5.07
CA GLY A 358 13.65 22.63 -5.92
C GLY A 358 12.20 22.23 -5.81
N LEU A 359 11.83 21.54 -4.72
CA LEU A 359 10.48 20.96 -4.56
C LEU A 359 9.44 22.01 -4.15
N VAL A 360 9.82 23.22 -3.73
CA VAL A 360 8.84 24.19 -3.27
C VAL A 360 8.04 24.69 -4.46
N PRO A 361 8.68 25.05 -5.58
CA PRO A 361 7.88 25.41 -6.78
C PRO A 361 6.92 24.30 -7.19
N PHE A 362 7.28 23.04 -6.98
CA PHE A 362 6.38 21.95 -7.34
C PHE A 362 5.20 21.89 -6.39
N LEU A 363 5.42 22.14 -5.10
CA LEU A 363 4.29 22.23 -4.18
C LEU A 363 3.39 23.40 -4.55
N VAL A 364 4.00 24.51 -4.97
CA VAL A 364 3.21 25.64 -5.44
C VAL A 364 2.36 25.24 -6.63
N GLY A 365 2.95 24.50 -7.56
CA GLY A 365 2.18 24.03 -8.70
C GLY A 365 1.01 23.17 -8.28
N VAL A 366 1.28 22.18 -7.42
CA VAL A 366 0.21 21.27 -7.00
C VAL A 366 -0.92 22.06 -6.34
N LEU A 367 -0.55 23.04 -5.51
CA LEU A 367 -1.54 23.90 -4.82
C LEU A 367 -2.27 24.76 -5.86
N SER A 368 -1.63 25.07 -7.00
CA SER A 368 -2.26 25.91 -8.02
C SER A 368 -3.25 25.11 -8.86
N LYS A 369 -2.85 23.90 -9.25
CA LYS A 369 -3.69 23.03 -10.10
C LYS A 369 -3.39 21.57 -9.78
N ALA A 370 -4.37 20.83 -9.25
CA ALA A 370 -4.24 19.41 -8.97
C ALA A 370 -5.59 18.97 -8.40
N ASP A 371 -5.80 17.65 -8.39
CA ASP A 371 -6.99 17.09 -7.77
C ASP A 371 -7.17 17.66 -6.37
N PHE A 372 -8.41 17.97 -5.98
CA PHE A 372 -8.70 18.59 -4.67
C PHE A 372 -7.96 17.85 -3.56
N LYS A 373 -8.01 16.51 -3.57
CA LYS A 373 -7.36 15.75 -2.49
C LYS A 373 -5.86 16.02 -2.47
N THR A 374 -5.23 16.04 -3.66
CA THR A 374 -3.83 16.43 -3.74
C THR A 374 -3.62 17.82 -3.17
N GLN A 375 -4.51 18.75 -3.51
CA GLN A 375 -4.38 20.12 -3.00
C GLN A 375 -4.50 20.15 -1.48
N LYS A 376 -5.35 19.28 -0.92
CA LYS A 376 -5.53 19.20 0.55
C LYS A 376 -4.22 18.71 1.16
N GLU A 377 -3.57 17.70 0.56
CA GLU A 377 -2.26 17.26 1.04
C GLU A 377 -1.22 18.38 0.90
N ALA A 378 -1.33 19.17 -0.18
CA ALA A 378 -0.34 20.23 -0.40
C ALA A 378 -0.50 21.35 0.63
N ALA A 379 -1.75 21.68 0.95
CA ALA A 379 -2.05 22.68 1.99
C ALA A 379 -1.48 22.18 3.31
N TRP A 380 -1.56 20.86 3.57
CA TRP A 380 -0.95 20.28 4.77
C TRP A 380 0.57 20.41 4.73
N ALA A 381 1.16 20.17 3.57
CA ALA A 381 2.61 20.29 3.44
C ALA A 381 3.06 21.72 3.72
N ILE A 382 2.25 22.68 3.25
CA ILE A 382 2.57 24.13 3.43
C ILE A 382 2.43 24.50 4.91
N THR A 383 1.41 23.99 5.59
CA THR A 383 1.17 24.29 7.02
C THR A 383 2.27 23.64 7.85
N ASN A 384 2.79 22.49 7.45
CA ASN A 384 3.88 21.85 8.19
C ASN A 384 5.18 22.61 7.97
N TYR A 385 5.47 22.95 6.71
CA TYR A 385 6.65 23.74 6.35
C TYR A 385 6.71 25.04 7.15
N THR A 386 5.61 25.77 7.19
CA THR A 386 5.56 27.08 7.83
C THR A 386 5.54 26.97 9.35
N SER A 387 5.04 25.85 9.90
CA SER A 387 5.06 25.64 11.33
C SER A 387 6.47 25.34 11.80
N GLY A 388 7.23 24.55 11.05
CA GLY A 388 8.55 24.16 11.48
C GLY A 388 9.70 24.84 10.78
N GLY A 389 9.44 25.69 9.80
CA GLY A 389 10.51 26.24 9.01
C GLY A 389 11.14 27.48 9.62
N THR A 390 12.32 27.85 9.12
CA THR A 390 13.01 29.09 9.53
C THR A 390 12.28 30.25 8.84
N VAL A 391 12.51 31.49 9.28
CA VAL A 391 11.88 32.69 8.68
C VAL A 391 12.38 32.80 7.24
N GLU A 392 13.65 32.45 7.00
CA GLU A 392 14.28 32.51 5.66
C GLU A 392 13.55 31.53 4.74
N GLN A 393 13.20 30.34 5.25
CA GLN A 393 12.48 29.32 4.45
C GLN A 393 11.07 29.82 4.19
N ILE A 394 10.39 30.36 5.20
CA ILE A 394 8.98 30.81 5.07
C ILE A 394 8.93 31.92 4.01
N VAL A 395 9.93 32.79 3.96
CA VAL A 395 9.95 33.91 2.99
C VAL A 395 10.24 33.33 1.60
N TYR A 396 11.07 32.27 1.51
CA TYR A 396 11.34 31.59 0.23
C TYR A 396 10.03 31.06 -0.34
N LEU A 397 9.12 30.62 0.53
CA LEU A 397 7.81 30.07 0.11
C LEU A 397 7.00 31.17 -0.56
N VAL A 398 6.94 32.38 0.02
CA VAL A 398 6.13 33.49 -0.54
C VAL A 398 6.80 33.98 -1.82
N HIS A 399 8.13 33.88 -1.92
CA HIS A 399 8.88 34.27 -3.14
C HIS A 399 8.58 33.26 -4.24
N CYS A 400 8.30 32.01 -3.90
CA CYS A 400 8.00 30.93 -4.88
C CYS A 400 6.54 31.07 -5.34
N GLY A 401 5.76 31.94 -4.70
CA GLY A 401 4.36 32.21 -5.11
C GLY A 401 3.38 31.30 -4.41
N ILE A 402 3.39 31.25 -3.07
CA ILE A 402 2.50 30.34 -2.29
C ILE A 402 1.24 31.09 -1.86
N ILE A 403 1.32 32.41 -1.74
CA ILE A 403 0.19 33.26 -1.25
C ILE A 403 -1.04 33.08 -2.15
N GLU A 404 -0.98 33.45 -3.43
CA GLU A 404 -2.15 33.41 -4.34
C GLU A 404 -2.80 32.03 -4.32
N PRO A 405 -2.09 30.92 -4.62
CA PRO A 405 -2.73 29.62 -4.68
C PRO A 405 -3.37 29.26 -3.32
N LEU A 406 -2.66 29.53 -2.22
CA LEU A 406 -3.15 29.22 -0.86
C LEU A 406 -4.43 30.02 -0.59
N MET A 407 -4.44 31.32 -0.90
CA MET A 407 -5.60 32.21 -0.66
C MET A 407 -6.76 31.79 -1.56
N ASN A 408 -6.47 31.24 -2.74
CA ASN A 408 -7.50 30.81 -3.72
C ASN A 408 -8.13 29.51 -3.24
N LEU A 409 -7.40 28.69 -2.49
CA LEU A 409 -7.91 27.41 -1.93
C LEU A 409 -8.80 27.70 -0.72
N LEU A 410 -8.77 28.94 -0.21
CA LEU A 410 -9.59 29.33 0.96
C LEU A 410 -11.06 29.36 0.57
N SER A 411 -11.38 29.42 -0.73
CA SER A 411 -12.77 29.40 -1.19
C SER A 411 -13.33 27.98 -1.26
N ALA A 412 -12.60 27.01 -0.71
CA ALA A 412 -13.00 25.58 -0.76
C ALA A 412 -14.11 25.31 0.25
N LYS A 413 -15.02 24.38 -0.06
CA LYS A 413 -16.13 24.01 0.86
C LYS A 413 -15.56 23.29 2.08
N ASP A 414 -14.61 22.37 1.88
CA ASP A 414 -13.97 21.63 2.99
C ASP A 414 -13.61 22.66 4.07
N THR A 415 -13.97 22.41 5.33
CA THR A 415 -13.70 23.34 6.44
C THR A 415 -12.27 23.12 6.96
N LYS A 416 -11.81 21.87 6.98
CA LYS A 416 -10.47 21.53 7.52
C LYS A 416 -9.38 22.12 6.62
N ILE A 417 -9.56 22.11 5.31
CA ILE A 417 -8.56 22.67 4.34
C ILE A 417 -8.47 24.18 4.59
N ILE A 418 -9.57 24.83 4.99
CA ILE A 418 -9.58 26.30 5.22
C ILE A 418 -8.82 26.57 6.52
N GLN A 419 -9.03 25.74 7.55
CA GLN A 419 -8.34 25.88 8.84
C GLN A 419 -6.84 25.69 8.61
N VAL A 420 -6.45 24.69 7.81
CA VAL A 420 -5.02 24.40 7.50
C VAL A 420 -4.43 25.62 6.78
N ILE A 421 -5.14 26.16 5.78
CA ILE A 421 -4.67 27.34 5.00
C ILE A 421 -4.51 28.52 5.96
N LEU A 422 -5.53 28.82 6.76
CA LEU A 422 -5.51 29.96 7.70
C LEU A 422 -4.33 29.79 8.66
N ASP A 423 -4.03 28.55 9.06
CA ASP A 423 -2.89 28.25 9.98
C ASP A 423 -1.59 28.70 9.32
N ALA A 424 -1.33 28.27 8.08
CA ALA A 424 -0.09 28.63 7.34
C ALA A 424 -0.04 30.14 7.15
N ILE A 425 -1.17 30.76 6.78
CA ILE A 425 -1.24 32.23 6.55
C ILE A 425 -0.75 32.92 7.82
N SER A 426 -1.22 32.49 8.99
CA SER A 426 -0.83 33.08 10.29
C SER A 426 0.66 32.85 10.54
N ASN A 427 1.17 31.64 10.26
CA ASN A 427 2.58 31.29 10.49
C ASN A 427 3.46 32.18 9.61
N ILE A 428 3.08 32.40 8.36
CA ILE A 428 3.84 33.26 7.41
C ILE A 428 3.75 34.70 7.92
N PHE A 429 2.58 35.11 8.41
CA PHE A 429 2.37 36.47 8.97
C PHE A 429 3.24 36.63 10.21
N GLN A 430 3.38 35.59 11.02
CA GLN A 430 4.23 35.61 12.24
C GLN A 430 5.68 35.79 11.79
N ALA A 431 6.10 35.11 10.72
CA ALA A 431 7.46 35.26 10.15
C ALA A 431 7.59 36.67 9.59
N ALA A 432 6.51 37.20 9.01
CA ALA A 432 6.48 38.57 8.46
C ALA A 432 6.68 39.58 9.59
N GLU A 433 6.09 39.33 10.77
CA GLU A 433 6.26 40.20 11.96
C GLU A 433 7.74 40.24 12.32
N LYS A 434 8.43 39.11 12.29
CA LYS A 434 9.85 39.01 12.61
C LYS A 434 10.67 39.86 11.64
N LEU A 435 10.15 40.12 10.45
CA LEU A 435 10.89 40.89 9.42
C LEU A 435 10.35 42.33 9.35
N GLY A 436 9.21 42.60 9.96
CA GLY A 436 8.58 43.93 9.92
C GLY A 436 7.98 44.18 8.55
N GLU A 437 7.62 43.11 7.83
CA GLU A 437 7.08 43.22 6.44
C GLU A 437 5.64 42.72 6.39
N THR A 438 4.97 42.54 7.53
CA THR A 438 3.57 42.06 7.60
C THR A 438 2.70 42.90 6.65
N GLU A 439 2.92 44.21 6.61
CA GLU A 439 2.13 45.14 5.75
C GLU A 439 2.19 44.66 4.30
N LYS A 440 3.38 44.27 3.83
CA LYS A 440 3.58 43.82 2.42
C LYS A 440 2.83 42.51 2.23
N LEU A 441 2.84 41.61 3.23
CA LEU A 441 2.11 40.32 3.15
C LEU A 441 0.61 40.63 3.13
N SER A 442 0.17 41.62 3.90
CA SER A 442 -1.25 42.05 3.94
C SER A 442 -1.63 42.59 2.57
N ILE A 443 -0.76 43.38 1.95
CA ILE A 443 -0.98 43.98 0.60
C ILE A 443 -1.03 42.85 -0.43
N MET A 444 -0.17 41.84 -0.29
CA MET A 444 -0.12 40.68 -1.21
C MET A 444 -1.44 39.90 -1.11
N ILE A 445 -1.94 39.68 0.11
CA ILE A 445 -3.19 38.90 0.34
C ILE A 445 -4.39 39.70 -0.16
N GLU A 446 -4.36 41.02 -0.03
CA GLU A 446 -5.49 41.90 -0.44
C GLU A 446 -5.54 41.98 -1.97
N GLU A 447 -4.39 41.93 -2.63
CA GLU A 447 -4.30 42.04 -4.08
C GLU A 447 -4.82 40.77 -4.74
N CYS A 448 -4.48 39.62 -4.17
CA CYS A 448 -4.92 38.31 -4.73
C CYS A 448 -6.38 38.06 -4.35
N GLY A 449 -7.06 39.02 -3.70
CA GLY A 449 -8.42 38.78 -3.26
C GLY A 449 -8.59 37.91 -2.03
N GLY A 450 -7.51 37.41 -1.44
CA GLY A 450 -7.67 36.54 -0.29
C GLY A 450 -8.19 37.26 0.94
N LEU A 451 -7.91 38.56 1.05
CA LEU A 451 -8.45 39.32 2.17
C LEU A 451 -9.98 39.21 2.15
N ASP A 452 -10.60 39.34 0.98
CA ASP A 452 -12.05 39.18 0.88
C ASP A 452 -12.47 37.79 1.33
N LYS A 453 -11.67 36.77 0.97
CA LYS A 453 -12.01 35.40 1.36
C LYS A 453 -12.03 35.27 2.87
N ILE A 454 -11.01 35.81 3.54
CA ILE A 454 -10.93 35.73 5.00
C ILE A 454 -12.08 36.50 5.64
N GLU A 455 -12.36 37.68 5.09
CA GLU A 455 -13.48 38.50 5.57
C GLU A 455 -14.75 37.66 5.56
N ALA A 456 -14.97 36.91 4.48
CA ALA A 456 -16.17 36.07 4.42
C ALA A 456 -16.06 34.88 5.37
N LEU A 457 -14.83 34.39 5.59
CA LEU A 457 -14.59 33.24 6.52
C LEU A 457 -15.02 33.63 7.92
N GLN A 458 -15.18 34.94 8.21
CA GLN A 458 -15.58 35.43 9.55
C GLN A 458 -17.04 35.05 9.83
N ARG A 459 -17.78 34.60 8.81
CA ARG A 459 -19.20 34.19 8.96
C ARG A 459 -19.31 32.69 8.68
N HIS A 460 -18.18 31.97 8.66
CA HIS A 460 -18.17 30.52 8.35
C HIS A 460 -18.93 29.75 9.43
N GLU A 461 -19.40 28.53 9.12
CA GLU A 461 -20.16 27.69 10.08
C GLU A 461 -19.25 27.30 11.25
N ASN A 462 -18.01 26.92 10.98
CA ASN A 462 -17.05 26.47 12.02
C ASN A 462 -16.59 27.67 12.85
N GLU A 463 -16.35 27.48 14.15
CA GLU A 463 -15.88 28.57 15.04
C GLU A 463 -14.42 28.87 14.76
N SER A 464 -13.56 27.84 14.68
CA SER A 464 -12.10 28.02 14.46
C SER A 464 -11.86 28.79 13.16
N VAL A 465 -12.63 28.51 12.10
CA VAL A 465 -12.45 29.17 10.79
C VAL A 465 -12.66 30.68 10.95
N TYR A 466 -13.80 31.11 11.48
CA TYR A 466 -14.12 32.56 11.63
C TYR A 466 -13.30 33.12 12.79
N LYS A 467 -12.96 32.30 13.78
CA LYS A 467 -12.15 32.74 14.94
C LYS A 467 -10.78 33.15 14.43
N ALA A 468 -10.05 32.25 13.77
CA ALA A 468 -8.71 32.53 13.20
C ALA A 468 -8.87 33.56 12.09
N SER A 469 -9.94 33.46 11.29
CA SER A 469 -10.21 34.40 10.17
C SER A 469 -10.27 35.82 10.72
N LEU A 470 -11.02 36.04 11.81
CA LEU A 470 -11.21 37.39 12.39
C LEU A 470 -9.89 37.84 13.03
N ASN A 471 -9.14 36.94 13.65
CA ASN A 471 -7.85 37.27 14.31
C ASN A 471 -6.92 37.94 13.29
N LEU A 472 -6.62 37.28 12.17
CA LEU A 472 -5.72 37.82 11.12
C LEU A 472 -6.29 39.13 10.58
N ILE A 473 -7.62 39.21 10.40
CA ILE A 473 -8.30 40.42 9.87
C ILE A 473 -8.16 41.56 10.87
N GLU A 474 -8.07 41.25 12.17
CA GLU A 474 -7.98 42.27 13.24
C GLU A 474 -6.56 42.29 13.80
N LYS A 475 -5.62 41.62 13.13
CA LYS A 475 -4.20 41.55 13.58
C LYS A 475 -3.29 42.15 12.51
N TYR A 476 -3.51 41.84 11.23
CA TYR A 476 -2.65 42.34 10.11
C TYR A 476 -3.49 43.13 9.10
N PHE A 477 -4.82 43.13 9.23
CA PHE A 477 -5.73 43.83 8.28
C PHE A 477 -6.60 44.84 9.05
N SER A 478 -6.07 45.42 10.14
CA SER A 478 -6.82 46.39 10.98
C SER A 478 -5.99 47.65 11.24
N VAL A 479 -6.62 48.73 11.70
CA VAL A 479 -5.94 49.97 12.01
C VAL A 479 -5.99 50.29 13.51
N PHE B 4 3.74 16.91 13.45
CA PHE B 4 2.92 17.29 12.30
C PHE B 4 2.82 16.15 11.30
N LYS B 5 3.55 15.06 11.57
CA LYS B 5 3.57 13.88 10.68
C LYS B 5 2.24 13.13 10.79
N ARG B 6 1.52 12.97 9.69
CA ARG B 6 0.24 12.28 9.63
C ARG B 6 0.42 10.93 8.95
N ARG B 7 -0.10 9.88 9.58
CA ARG B 7 0.06 8.51 9.07
C ARG B 7 -1.20 8.08 8.32
N ARG B 8 -1.09 6.96 7.60
CA ARG B 8 -2.24 6.43 6.81
C ARG B 8 -3.43 6.22 7.75
N PRO C 1 -3.76 -3.67 -3.81
CA PRO C 1 -5.11 -3.11 -3.71
C PRO C 1 -6.06 -3.82 -4.68
N GLY C 2 -6.77 -4.86 -4.22
CA GLY C 2 -7.70 -5.63 -5.06
C GLY C 2 -7.13 -6.98 -5.43
N GLY C 3 -5.93 -7.31 -4.96
CA GLY C 3 -5.28 -8.60 -5.22
C GLY C 3 -5.20 -9.45 -3.97
N PHE C 4 -5.87 -9.03 -2.89
CA PHE C 4 -5.91 -9.80 -1.62
C PHE C 4 -6.10 -11.28 -1.96
N LYS C 5 -6.99 -11.57 -2.89
CA LYS C 5 -7.30 -12.97 -3.30
C LYS C 5 -7.18 -13.07 -4.81
N ARG C 6 -6.69 -14.20 -5.30
CA ARG C 6 -6.50 -14.44 -6.75
C ARG C 6 -7.13 -15.77 -7.16
N ARG C 7 -7.89 -15.78 -8.24
CA ARG C 7 -8.46 -17.00 -8.83
C ARG C 7 -7.66 -17.41 -10.07
N ARG C 8 -7.38 -18.70 -10.18
CA ARG C 8 -6.57 -19.21 -11.26
C ARG C 8 -7.43 -19.50 -12.49
N LEU C 9 -7.08 -18.89 -13.62
CA LEU C 9 -7.83 -18.98 -14.87
C LEU C 9 -9.24 -18.43 -14.69
#